data_3AAQ
#
_entry.id   3AAQ
#
_cell.length_a   101.479
_cell.length_b   101.479
_cell.length_c   74.867
_cell.angle_alpha   90.00
_cell.angle_beta   90.00
_cell.angle_gamma   120.00
#
_symmetry.space_group_name_H-M   'P 3 2 1'
#
loop_
_entity.id
_entity.type
_entity.pdbx_description
1 polymer 'Ectonucleoside triphosphate diphosphohydrolase I'
2 non-polymer "5'-O-[(R)-{[(R)-[dibromo(phosphono)methyl](hydroxy)phosphoryl]oxy}(hydroxy)phosphoryl]-N,N-diethyladenosine"
3 water water
#
_entity_poly.entity_id   1
_entity_poly.type   'polypeptide(L)'
_entity_poly.pdbx_seq_one_letter_code
;KHSCIAVIDAGSTGSRLHIYSYDTDDTNTPIHIEEIWNKKIKPGFASIQPNSVTIDAYLTMLLADAPIHNIPVYFYATAG
MRLLPQSQQKKYYDELEYWFRQQSQWQLVEAKTITGNDEALFDWLAVNYKLDTLKSVQNKSVGVMDMGGASVQIVFPMPK
NAEISKHNQVELNIYGQNINLYVHSFLGLGQTEMSHQFLNSPSCFANDYPLPDGESGQGNAPSCKEEVTSLMNSVHKVNQ
QIQPLLALNPVNEWYSIGGISNLASSQLFHFENSELTNQSLLQQGDNQICHQQWDILNGQYPDDEYLYQYCLLSSYYYAL
MVDGYGINPNQTIHYIPPEQNLDWTIGVVLHRA
;
_entity_poly.pdbx_strand_id   A
#
loop_
_chem_comp.id
_chem_comp.type
_chem_comp.name
_chem_comp.formula
ARU non-polymer 5'-O-[(R)-{[(R)-[dibromo(phosphono)methyl](hydroxy)phosphoryl]oxy}(hydroxy)phosphoryl]-N,N-diethyladenosine 'C15 H24 Br2 N5 O12 P3'
#
# COMPACT_ATOMS: atom_id res chain seq x y z
N LYS A 1 -16.70 -14.71 -23.72
CA LYS A 1 -17.73 -14.88 -22.65
C LYS A 1 -17.84 -13.68 -21.69
N HIS A 2 -16.71 -13.14 -21.23
CA HIS A 2 -16.68 -11.89 -20.47
C HIS A 2 -15.68 -10.88 -21.07
N SER A 3 -15.76 -9.63 -20.63
CA SER A 3 -14.71 -8.65 -20.94
C SER A 3 -13.44 -9.02 -20.19
N CYS A 4 -12.30 -8.57 -20.71
CA CYS A 4 -11.03 -8.79 -20.04
C CYS A 4 -10.17 -7.53 -20.03
N ILE A 5 -9.42 -7.35 -18.96
CA ILE A 5 -8.49 -6.25 -18.85
C ILE A 5 -7.25 -6.79 -18.13
N ALA A 6 -6.08 -6.29 -18.52
CA ALA A 6 -4.87 -6.60 -17.79
C ALA A 6 -4.38 -5.33 -17.08
N VAL A 7 -4.01 -5.49 -15.81
CA VAL A 7 -3.35 -4.43 -15.03
C VAL A 7 -1.99 -4.94 -14.53
N ILE A 8 -0.94 -4.18 -14.84
CA ILE A 8 0.36 -4.47 -14.31
C ILE A 8 0.63 -3.48 -13.20
N ASP A 9 0.88 -4.05 -12.02
CA ASP A 9 1.30 -3.31 -10.85
C ASP A 9 2.83 -3.37 -10.80
N ALA A 10 3.47 -2.27 -11.18
CA ALA A 10 4.92 -2.17 -11.19
C ALA A 10 5.36 -1.54 -9.88
N GLY A 11 5.53 -2.39 -8.88
CA GLY A 11 5.83 -1.95 -7.54
C GLY A 11 7.31 -1.83 -7.27
N SER A 12 7.64 -1.38 -6.07
CA SER A 12 9.05 -1.18 -5.72
C SER A 12 9.86 -2.49 -5.60
N THR A 13 9.20 -3.59 -5.27
CA THR A 13 9.96 -4.83 -5.08
C THR A 13 9.72 -5.88 -6.16
N GLY A 14 8.76 -5.64 -7.03
CA GLY A 14 8.41 -6.62 -8.03
C GLY A 14 7.31 -6.06 -8.90
N SER A 15 7.02 -6.75 -10.00
CA SER A 15 5.90 -6.40 -10.87
C SER A 15 4.95 -7.56 -10.98
N ARG A 16 3.66 -7.24 -11.02
CA ARG A 16 2.60 -8.23 -10.91
C ARG A 16 1.57 -7.95 -12.00
N LEU A 17 1.46 -8.89 -12.94
CA LEU A 17 0.43 -8.84 -13.94
C LEU A 17 -0.86 -9.50 -13.40
N HIS A 18 -1.98 -8.82 -13.59
CA HIS A 18 -3.27 -9.34 -13.19
C HIS A 18 -4.17 -9.26 -14.38
N ILE A 19 -4.69 -10.40 -14.81
CA ILE A 19 -5.73 -10.39 -15.84
C ILE A 19 -7.07 -10.68 -15.15
N TYR A 20 -8.03 -9.77 -15.34
CA TYR A 20 -9.35 -9.93 -14.76
C TYR A 20 -10.38 -10.07 -15.86
N SER A 21 -11.35 -10.95 -15.65
CA SER A 21 -12.55 -10.99 -16.50
C SER A 21 -13.57 -10.26 -15.69
N TYR A 22 -14.49 -9.56 -16.35
CA TYR A 22 -15.56 -8.88 -15.65
C TYR A 22 -16.80 -8.77 -16.55
N ASP A 23 -17.92 -8.43 -15.94
CA ASP A 23 -19.11 -8.02 -16.70
C ASP A 23 -19.38 -6.58 -16.30
N THR A 24 -20.25 -5.89 -17.04
CA THR A 24 -20.62 -4.53 -16.70
C THR A 24 -22.11 -4.54 -16.34
N ASP A 25 -22.49 -3.81 -15.29
CA ASP A 25 -23.93 -3.66 -15.00
C ASP A 25 -24.51 -2.46 -15.77
N ASP A 26 -25.73 -2.05 -15.45
CA ASP A 26 -26.43 -1.02 -16.25
C ASP A 26 -26.13 0.40 -15.87
N THR A 27 -25.25 0.58 -14.87
CA THR A 27 -24.71 1.91 -14.54
C THR A 27 -23.36 2.11 -15.25
N ASN A 28 -22.95 1.10 -16.02
CA ASN A 28 -21.63 1.11 -16.69
C ASN A 28 -20.47 0.87 -15.72
N THR A 29 -20.72 0.05 -14.69
CA THR A 29 -19.74 -0.28 -13.66
C THR A 29 -19.41 -1.78 -13.70
N PRO A 30 -18.11 -2.14 -13.77
CA PRO A 30 -17.72 -3.55 -13.68
C PRO A 30 -18.28 -4.33 -12.47
N ILE A 31 -18.65 -5.59 -12.72
CA ILE A 31 -19.17 -6.53 -11.72
C ILE A 31 -18.58 -7.93 -12.03
N HIS A 32 -18.70 -8.87 -11.09
CA HIS A 32 -18.11 -10.21 -11.21
C HIS A 32 -16.66 -10.18 -11.71
N ILE A 33 -15.89 -9.27 -11.16
CA ILE A 33 -14.49 -9.13 -11.47
C ILE A 33 -13.76 -10.35 -10.94
N GLU A 34 -13.18 -11.16 -11.82
CA GLU A 34 -12.45 -12.36 -11.40
C GLU A 34 -11.03 -12.31 -11.95
N GLU A 35 -10.04 -12.57 -11.10
CA GLU A 35 -8.68 -12.67 -11.58
C GLU A 35 -8.47 -14.05 -12.18
N ILE A 36 -8.18 -14.09 -13.48
CA ILE A 36 -8.06 -15.37 -14.20
C ILE A 36 -6.60 -15.78 -14.42
N TRP A 37 -5.70 -14.80 -14.34
CA TRP A 37 -4.27 -15.05 -14.50
C TRP A 37 -3.46 -14.07 -13.70
N ASN A 38 -2.25 -14.49 -13.36
CA ASN A 38 -1.42 -13.71 -12.44
C ASN A 38 0.03 -14.12 -12.65
N LYS A 39 0.91 -13.14 -12.71
CA LYS A 39 2.30 -13.42 -12.85
C LYS A 39 3.08 -12.38 -12.07
N LYS A 40 4.07 -12.84 -11.30
CA LYS A 40 4.82 -11.98 -10.42
C LYS A 40 6.31 -12.18 -10.68
N ILE A 41 7.02 -11.07 -10.89
CA ILE A 41 8.46 -11.10 -11.15
C ILE A 41 9.18 -10.14 -10.21
N LYS A 42 10.41 -10.48 -9.85
CA LYS A 42 11.28 -9.59 -9.10
C LYS A 42 12.50 -9.36 -10.00
N PRO A 43 13.27 -8.27 -9.78
CA PRO A 43 13.00 -7.25 -8.79
C PRO A 43 12.01 -6.22 -9.38
N GLY A 44 11.92 -5.06 -8.75
CA GLY A 44 11.09 -4.00 -9.27
C GLY A 44 11.61 -3.45 -10.59
N PHE A 45 10.69 -2.88 -11.36
CA PHE A 45 10.98 -2.23 -12.63
C PHE A 45 12.06 -1.19 -12.50
N ALA A 46 11.96 -0.36 -11.46
CA ALA A 46 12.91 0.73 -11.25
C ALA A 46 14.29 0.23 -10.81
N SER A 47 14.42 -1.06 -10.56
CA SER A 47 15.70 -1.65 -10.16
C SER A 47 16.43 -2.34 -11.31
N ILE A 48 15.82 -2.44 -12.48
CA ILE A 48 16.53 -3.00 -13.64
C ILE A 48 17.13 -1.94 -14.56
N GLN A 49 18.15 -2.31 -15.34
CA GLN A 49 18.71 -1.36 -16.30
C GLN A 49 17.66 -1.02 -17.37
N PRO A 50 17.42 0.27 -17.62
CA PRO A 50 16.45 0.67 -18.63
C PRO A 50 17.07 0.65 -20.05
N ASN A 51 17.32 -0.54 -20.56
CA ASN A 51 17.71 -0.70 -21.97
C ASN A 51 16.81 -1.76 -22.59
N SER A 52 16.84 -1.91 -23.92
CA SER A 52 15.94 -2.85 -24.60
C SER A 52 16.10 -4.31 -24.18
N VAL A 53 17.34 -4.80 -24.07
CA VAL A 53 17.52 -6.21 -23.72
C VAL A 53 16.94 -6.55 -22.36
N THR A 54 17.23 -5.68 -21.39
CA THR A 54 16.77 -5.90 -20.02
C THR A 54 15.24 -5.78 -19.94
N ILE A 55 14.68 -4.71 -20.51
CA ILE A 55 13.21 -4.51 -20.50
C ILE A 55 12.51 -5.67 -21.24
N ASP A 56 13.06 -6.05 -22.39
CA ASP A 56 12.51 -7.20 -23.11
C ASP A 56 12.55 -8.49 -22.29
N ALA A 57 13.68 -8.81 -21.66
CA ALA A 57 13.73 -10.00 -20.80
C ALA A 57 12.66 -9.95 -19.70
N TYR A 58 12.59 -8.81 -19.02
CA TYR A 58 11.63 -8.59 -17.94
C TYR A 58 10.17 -8.72 -18.36
N LEU A 59 9.74 -8.01 -19.40
CA LEU A 59 8.34 -8.07 -19.85
C LEU A 59 7.95 -9.40 -20.50
N THR A 60 8.93 -10.04 -21.14
CA THR A 60 8.69 -11.35 -21.74
C THR A 60 8.41 -12.37 -20.62
N MET A 61 9.27 -12.37 -19.61
CA MET A 61 9.09 -13.19 -18.42
C MET A 61 7.73 -12.92 -17.75
N LEU A 62 7.28 -11.67 -17.78
CA LEU A 62 6.01 -11.27 -17.16
C LEU A 62 4.77 -11.68 -17.95
N LEU A 63 4.85 -11.58 -19.27
CA LEU A 63 3.65 -11.56 -20.10
C LEU A 63 3.53 -12.67 -21.13
N ALA A 64 4.67 -13.21 -21.58
CA ALA A 64 4.70 -14.07 -22.77
C ALA A 64 3.76 -15.25 -22.66
N ASP A 65 3.74 -15.86 -21.48
CA ASP A 65 2.91 -17.05 -21.28
C ASP A 65 1.47 -16.75 -20.87
N ALA A 66 1.03 -15.50 -21.01
CA ALA A 66 -0.36 -15.18 -20.69
C ALA A 66 -1.28 -15.93 -21.66
N PRO A 67 -2.34 -16.58 -21.13
CA PRO A 67 -3.23 -17.40 -21.96
C PRO A 67 -4.28 -16.54 -22.69
N ILE A 68 -3.95 -15.30 -22.99
CA ILE A 68 -4.96 -14.39 -23.52
C ILE A 68 -4.36 -13.37 -24.48
N HIS A 69 -4.93 -13.32 -25.67
CA HIS A 69 -4.53 -12.41 -26.73
C HIS A 69 -5.48 -11.23 -26.91
N ASN A 70 -4.93 -10.13 -27.45
CA ASN A 70 -5.68 -8.93 -27.78
C ASN A 70 -6.55 -8.44 -26.63
N ILE A 71 -5.88 -8.06 -25.56
CA ILE A 71 -6.48 -7.55 -24.34
C ILE A 71 -5.81 -6.18 -24.05
N PRO A 72 -6.60 -5.18 -23.61
CA PRO A 72 -6.03 -3.90 -23.16
C PRO A 72 -5.18 -4.10 -21.89
N VAL A 73 -4.07 -3.38 -21.82
CA VAL A 73 -3.14 -3.48 -20.70
C VAL A 73 -2.91 -2.10 -20.15
N TYR A 74 -3.00 -1.98 -18.82
CA TYR A 74 -2.56 -0.79 -18.09
C TYR A 74 -1.28 -1.13 -17.36
N PHE A 75 -0.24 -0.35 -17.59
CA PHE A 75 1.03 -0.58 -16.89
C PHE A 75 1.13 0.59 -15.92
N TYR A 76 0.96 0.30 -14.63
CA TYR A 76 0.89 1.33 -13.62
C TYR A 76 1.98 1.13 -12.58
N ALA A 77 2.97 2.01 -12.59
CA ALA A 77 4.07 1.91 -11.62
C ALA A 77 3.75 2.75 -10.40
N THR A 78 4.28 2.36 -9.24
CA THR A 78 3.94 3.03 -8.00
C THR A 78 5.20 3.60 -7.33
N ALA A 79 5.34 3.46 -6.02
CA ALA A 79 6.28 4.33 -5.29
C ALA A 79 7.72 4.17 -5.70
N GLY A 80 8.10 2.94 -6.11
CA GLY A 80 9.48 2.68 -6.58
C GLY A 80 9.91 3.60 -7.71
N MET A 81 9.04 3.77 -8.71
CA MET A 81 9.29 4.65 -9.84
C MET A 81 9.15 6.13 -9.47
N ARG A 82 8.26 6.41 -8.49
CA ARG A 82 8.08 7.76 -7.99
C ARG A 82 9.35 8.33 -7.40
N LEU A 83 10.16 7.45 -6.82
CA LEU A 83 11.46 7.84 -6.27
C LEU A 83 12.48 8.24 -7.32
N LEU A 84 12.17 8.00 -8.61
CA LEU A 84 13.12 8.33 -9.68
C LEU A 84 12.74 9.65 -10.37
N PRO A 85 13.77 10.45 -10.75
CA PRO A 85 13.49 11.67 -11.51
C PRO A 85 12.76 11.38 -12.80
N GLN A 86 11.94 12.34 -13.24
CA GLN A 86 11.20 12.25 -14.51
C GLN A 86 12.10 11.78 -15.69
N SER A 87 13.35 12.22 -15.72
CA SER A 87 14.21 11.92 -16.87
C SER A 87 14.69 10.47 -16.88
N GLN A 88 14.84 9.89 -15.69
CA GLN A 88 15.16 8.46 -15.56
C GLN A 88 13.94 7.60 -15.93
N GLN A 89 12.79 7.98 -15.38
CA GLN A 89 11.54 7.30 -15.68
C GLN A 89 11.31 7.23 -17.18
N LYS A 90 11.59 8.35 -17.87
CA LYS A 90 11.42 8.43 -19.32
C LYS A 90 12.16 7.32 -20.07
N LYS A 91 13.33 6.94 -19.59
CA LYS A 91 14.13 5.91 -20.28
C LYS A 91 13.39 4.58 -20.27
N TYR A 92 12.81 4.25 -19.11
CA TYR A 92 12.00 3.03 -18.95
C TYR A 92 10.79 3.06 -19.87
N TYR A 93 10.07 4.16 -19.86
CA TYR A 93 8.81 4.28 -20.64
C TYR A 93 9.02 4.33 -22.17
N ASP A 94 10.13 4.92 -22.62
CA ASP A 94 10.54 4.84 -24.05
C ASP A 94 10.76 3.41 -24.49
N GLU A 95 11.52 2.63 -23.71
CA GLU A 95 11.75 1.21 -23.99
C GLU A 95 10.46 0.43 -23.93
N LEU A 96 9.67 0.68 -22.89
CA LEU A 96 8.42 -0.04 -22.69
C LEU A 96 7.40 0.29 -23.79
N GLU A 97 7.31 1.55 -24.18
CA GLU A 97 6.43 1.92 -25.26
C GLU A 97 6.87 1.18 -26.53
N TYR A 98 8.17 1.15 -26.80
CA TYR A 98 8.65 0.42 -27.98
C TYR A 98 8.34 -1.08 -27.90
N TRP A 99 8.59 -1.72 -26.76
CA TRP A 99 8.29 -3.13 -26.59
C TRP A 99 6.82 -3.45 -26.89
N PHE A 100 5.88 -2.70 -26.31
CA PHE A 100 4.46 -2.95 -26.58
C PHE A 100 4.03 -2.73 -28.06
N ARG A 101 4.67 -1.78 -28.75
CA ARG A 101 4.41 -1.57 -30.19
C ARG A 101 4.82 -2.78 -31.06
N GLN A 102 5.69 -3.64 -30.54
CA GLN A 102 6.16 -4.85 -31.23
C GLN A 102 5.27 -6.05 -30.97
N GLN A 103 4.31 -5.90 -30.07
CA GLN A 103 3.42 -6.99 -29.68
C GLN A 103 1.99 -6.59 -30.04
N SER A 104 1.36 -7.35 -30.92
CA SER A 104 -0.07 -7.16 -31.20
C SER A 104 -0.97 -7.90 -30.21
N GLN A 105 -0.42 -8.92 -29.54
CA GLN A 105 -1.14 -9.63 -28.44
C GLN A 105 -1.61 -8.67 -27.33
N TRP A 106 -0.80 -7.64 -27.05
CA TRP A 106 -1.08 -6.71 -25.97
C TRP A 106 -1.34 -5.32 -26.50
N GLN A 107 -2.49 -4.75 -26.11
CA GLN A 107 -2.84 -3.39 -26.50
C GLN A 107 -2.63 -2.48 -25.31
N LEU A 108 -1.47 -1.83 -25.28
CA LEU A 108 -1.13 -0.92 -24.19
C LEU A 108 -2.05 0.29 -24.21
N VAL A 109 -2.89 0.44 -23.20
CA VAL A 109 -3.74 1.62 -23.07
C VAL A 109 -3.00 2.79 -22.45
N GLU A 110 -2.38 2.57 -21.28
CA GLU A 110 -1.49 3.56 -20.63
C GLU A 110 -0.36 2.85 -19.92
N ALA A 111 0.80 3.47 -19.95
CA ALA A 111 1.93 3.09 -19.07
C ALA A 111 2.35 4.38 -18.40
N LYS A 112 2.28 4.41 -17.08
CA LYS A 112 2.70 5.59 -16.37
C LYS A 112 2.96 5.27 -14.89
N THR A 113 3.60 6.20 -14.21
CA THR A 113 3.79 6.11 -12.78
C THR A 113 2.62 6.84 -12.16
N ILE A 114 1.73 6.12 -11.49
CA ILE A 114 0.53 6.76 -10.95
C ILE A 114 0.93 7.57 -9.73
N THR A 115 0.23 8.65 -9.46
CA THR A 115 0.50 9.42 -8.24
C THR A 115 0.02 8.56 -7.06
N GLY A 116 0.49 8.90 -5.87
CA GLY A 116 0.01 8.24 -4.65
C GLY A 116 -1.46 8.49 -4.41
N ASN A 117 -1.97 9.63 -4.88
CA ASN A 117 -3.43 9.96 -4.80
C ASN A 117 -4.27 9.00 -5.65
N ASP A 118 -3.78 8.72 -6.87
CA ASP A 118 -4.36 7.75 -7.80
C ASP A 118 -4.44 6.42 -7.11
N GLU A 119 -3.32 6.04 -6.53
CA GLU A 119 -3.17 4.76 -5.87
C GLU A 119 -4.15 4.68 -4.67
N ALA A 120 -4.27 5.78 -3.90
CA ALA A 120 -5.27 5.90 -2.81
C ALA A 120 -6.71 5.66 -3.32
N LEU A 121 -7.05 6.26 -4.46
CA LEU A 121 -8.33 6.03 -5.12
C LEU A 121 -8.59 4.56 -5.39
N PHE A 122 -7.64 3.88 -6.07
CA PHE A 122 -7.74 2.46 -6.38
C PHE A 122 -7.84 1.58 -5.12
N ASP A 123 -7.04 1.90 -4.09
CA ASP A 123 -7.12 1.26 -2.77
C ASP A 123 -8.54 1.29 -2.23
N TRP A 124 -9.12 2.49 -2.15
CA TRP A 124 -10.49 2.68 -1.67
C TRP A 124 -11.52 1.87 -2.49
N LEU A 125 -11.43 1.92 -3.81
CA LEU A 125 -12.33 1.15 -4.68
C LEU A 125 -12.19 -0.37 -4.48
N ALA A 126 -10.95 -0.85 -4.35
CA ALA A 126 -10.66 -2.25 -4.15
C ALA A 126 -11.24 -2.79 -2.84
N VAL A 127 -10.99 -2.09 -1.75
CA VAL A 127 -11.50 -2.49 -0.42
C VAL A 127 -13.04 -2.46 -0.40
N ASN A 128 -13.62 -1.34 -0.82
CA ASN A 128 -15.07 -1.20 -0.83
C ASN A 128 -15.77 -2.19 -1.77
N TYR A 129 -15.09 -2.57 -2.84
CA TYR A 129 -15.59 -3.62 -3.72
C TYR A 129 -15.66 -4.96 -2.98
N LYS A 130 -14.54 -5.39 -2.39
CA LYS A 130 -14.47 -6.64 -1.63
C LYS A 130 -15.51 -6.66 -0.51
N LEU A 131 -15.71 -5.51 0.14
CA LEU A 131 -16.64 -5.38 1.26
C LEU A 131 -18.12 -5.25 0.85
N ASP A 132 -18.37 -5.21 -0.45
CA ASP A 132 -19.69 -4.92 -1.04
C ASP A 132 -20.34 -3.67 -0.44
N THR A 133 -19.54 -2.64 -0.20
CA THR A 133 -20.05 -1.39 0.32
C THR A 133 -20.25 -0.33 -0.78
N LEU A 134 -19.95 -0.68 -2.03
CA LEU A 134 -19.90 0.32 -3.11
C LEU A 134 -21.26 0.74 -3.60
N LYS A 135 -22.21 -0.18 -3.58
CA LYS A 135 -23.59 0.14 -3.94
C LYS A 135 -24.34 0.82 -2.80
N SER A 136 -23.67 0.98 -1.65
CA SER A 136 -24.19 1.79 -0.54
C SER A 136 -23.85 3.23 -0.76
N SER A 141 -19.73 5.86 5.88
CA SER A 141 -18.41 6.41 5.49
C SER A 141 -17.28 5.43 5.82
N VAL A 142 -16.70 4.85 4.77
CA VAL A 142 -15.61 3.87 4.88
C VAL A 142 -14.28 4.54 4.55
N GLY A 143 -13.35 4.45 5.49
CA GLY A 143 -11.99 4.94 5.27
C GLY A 143 -11.05 3.79 4.98
N VAL A 144 -10.13 4.03 4.06
CA VAL A 144 -9.06 3.08 3.75
C VAL A 144 -7.66 3.70 3.98
N MET A 145 -6.79 2.90 4.58
CA MET A 145 -5.38 3.25 4.79
C MET A 145 -4.58 2.12 4.16
N ASP A 146 -3.66 2.46 3.27
CA ASP A 146 -2.73 1.48 2.69
C ASP A 146 -1.37 1.74 3.33
N MET A 147 -0.81 0.74 4.04
CA MET A 147 0.53 0.90 4.66
C MET A 147 1.55 0.21 3.72
N GLY A 148 2.14 0.93 2.76
CA GLY A 148 3.00 0.26 1.75
C GLY A 148 4.47 0.30 2.18
N GLY A 149 5.38 -0.22 1.35
CA GLY A 149 6.81 -0.20 1.65
C GLY A 149 7.45 1.19 1.54
N ALA A 150 7.01 1.99 0.56
CA ALA A 150 7.61 3.31 0.33
C ALA A 150 6.67 4.48 0.63
N SER A 151 5.37 4.30 0.35
CA SER A 151 4.45 5.38 0.63
C SER A 151 3.29 4.82 1.47
N VAL A 152 2.58 5.70 2.16
CA VAL A 152 1.31 5.31 2.79
C VAL A 152 0.20 6.16 2.22
N GLN A 153 -0.98 5.57 2.13
CA GLN A 153 -2.15 6.24 1.57
C GLN A 153 -3.27 6.29 2.60
N ILE A 154 -4.02 7.37 2.56
CA ILE A 154 -5.25 7.49 3.34
C ILE A 154 -6.28 8.07 2.39
N VAL A 155 -7.51 7.65 2.57
CA VAL A 155 -8.60 8.00 1.67
C VAL A 155 -9.92 7.76 2.39
N PHE A 156 -10.79 8.77 2.33
CA PHE A 156 -12.12 8.72 2.98
C PHE A 156 -13.09 9.66 2.27
N PRO A 157 -14.40 9.37 2.34
CA PRO A 157 -15.35 10.33 1.75
C PRO A 157 -15.32 11.74 2.36
N MET A 158 -15.42 12.75 1.51
CA MET A 158 -15.42 14.17 1.93
C MET A 158 -16.09 15.05 0.86
N PRO A 159 -17.09 15.87 1.26
CA PRO A 159 -17.75 16.74 0.28
C PRO A 159 -16.75 17.64 -0.46
N LYS A 160 -16.98 17.88 -1.75
CA LYS A 160 -16.11 18.76 -2.52
C LYS A 160 -15.80 20.06 -1.75
N ASN A 161 -14.53 20.42 -1.70
CA ASN A 161 -14.06 21.54 -0.89
C ASN A 161 -13.07 22.39 -1.67
N ALA A 162 -13.51 23.58 -2.07
CA ALA A 162 -12.73 24.45 -2.93
C ALA A 162 -11.47 25.04 -2.28
N GLU A 163 -11.29 24.83 -0.98
CA GLU A 163 -10.09 25.27 -0.28
C GLU A 163 -9.04 24.16 -0.07
N ILE A 164 -9.26 23.01 -0.72
CA ILE A 164 -8.34 21.87 -0.67
C ILE A 164 -7.79 21.64 -2.09
N SER A 165 -6.52 21.28 -2.22
CA SER A 165 -5.97 20.98 -3.54
C SER A 165 -6.84 19.98 -4.30
N LYS A 166 -7.07 20.28 -5.58
CA LYS A 166 -7.77 19.40 -6.51
C LYS A 166 -7.08 18.04 -6.60
N HIS A 167 -5.75 18.05 -6.44
CA HIS A 167 -4.95 16.83 -6.41
C HIS A 167 -5.28 15.90 -5.22
N ASN A 168 -5.77 16.46 -4.12
CA ASN A 168 -6.22 15.67 -2.94
C ASN A 168 -7.72 15.31 -2.88
N GLN A 169 -8.39 15.49 -4.01
CA GLN A 169 -9.81 15.19 -4.13
C GLN A 169 -10.10 14.45 -5.40
N VAL A 170 -10.99 13.48 -5.32
CA VAL A 170 -11.40 12.76 -6.51
C VAL A 170 -12.92 12.73 -6.53
N GLU A 171 -13.50 13.02 -7.69
CA GLU A 171 -14.95 12.84 -7.89
C GLU A 171 -15.10 11.69 -8.84
N LEU A 172 -15.89 10.71 -8.41
CA LEU A 172 -16.28 9.62 -9.29
C LEU A 172 -17.73 9.19 -9.10
N ASN A 173 -18.23 8.49 -10.10
CA ASN A 173 -19.58 7.96 -10.03
C ASN A 173 -19.46 6.48 -10.12
N ILE A 174 -19.94 5.81 -9.10
CA ILE A 174 -19.80 4.36 -9.03
C ILE A 174 -21.15 3.70 -8.74
N TYR A 175 -21.48 2.67 -9.50
CA TYR A 175 -22.81 2.03 -9.45
C TYR A 175 -23.93 3.09 -9.40
N GLY A 176 -23.80 4.13 -10.22
CA GLY A 176 -24.81 5.20 -10.32
C GLY A 176 -24.73 6.31 -9.30
N GLN A 177 -23.79 6.23 -8.35
CA GLN A 177 -23.74 7.26 -7.29
C GLN A 177 -22.51 8.16 -7.40
N ASN A 178 -22.74 9.46 -7.30
CA ASN A 178 -21.66 10.42 -7.25
C ASN A 178 -20.95 10.36 -5.91
N ILE A 179 -19.63 10.31 -5.96
CA ILE A 179 -18.79 10.16 -4.76
C ILE A 179 -17.70 11.23 -4.81
N ASN A 180 -17.42 11.93 -3.70
CA ASN A 180 -16.16 12.71 -3.63
C ASN A 180 -15.29 12.13 -2.52
N LEU A 181 -14.00 11.95 -2.82
CA LEU A 181 -13.08 11.38 -1.84
C LEU A 181 -11.93 12.32 -1.57
N TYR A 182 -11.52 12.39 -0.32
CA TYR A 182 -10.23 12.98 0.01
C TYR A 182 -9.20 11.87 -0.11
N VAL A 183 -8.11 12.15 -0.83
CA VAL A 183 -7.02 11.21 -1.04
C VAL A 183 -5.69 11.85 -0.66
N HIS A 184 -4.84 11.10 0.02
CA HIS A 184 -3.51 11.62 0.34
C HIS A 184 -2.52 10.47 0.44
N SER A 185 -1.34 10.71 -0.10
CA SER A 185 -0.25 9.74 -0.07
C SER A 185 0.96 10.46 0.47
N PHE A 186 1.67 9.80 1.39
CA PHE A 186 2.90 10.32 1.97
C PHE A 186 4.07 9.49 1.53
N LEU A 187 4.79 9.99 0.54
CA LEU A 187 5.95 9.32 -0.03
C LEU A 187 7.12 9.46 0.95
N GLY A 188 7.67 8.34 1.34
CA GLY A 188 8.77 8.37 2.31
C GLY A 188 8.35 7.82 3.65
N LEU A 189 7.02 7.79 3.87
CA LEU A 189 6.46 7.31 5.14
C LEU A 189 6.06 5.83 5.08
N GLY A 190 6.29 5.19 3.93
CA GLY A 190 6.14 3.73 3.83
C GLY A 190 7.10 3.03 4.79
N GLN A 191 6.79 1.77 5.16
CA GLN A 191 7.51 1.17 6.28
C GLN A 191 9.00 0.96 5.98
N THR A 192 9.32 0.56 4.76
CA THR A 192 10.72 0.37 4.38
C THR A 192 11.50 1.71 4.40
N GLU A 193 10.99 2.74 3.73
CA GLU A 193 11.67 4.05 3.68
C GLU A 193 11.78 4.67 5.05
N MET A 194 10.68 4.68 5.79
CA MET A 194 10.72 5.23 7.12
C MET A 194 11.71 4.46 8.02
N SER A 195 11.84 3.13 7.85
CA SER A 195 12.67 2.33 8.78
C SER A 195 14.14 2.76 8.74
N HIS A 196 14.55 3.22 7.55
CA HIS A 196 15.92 3.68 7.29
C HIS A 196 16.30 4.91 8.09
N GLN A 197 15.31 5.57 8.71
CA GLN A 197 15.62 6.71 9.58
C GLN A 197 15.88 6.28 11.02
N PHE A 198 15.56 5.03 11.36
CA PHE A 198 15.45 4.66 12.79
C PHE A 198 16.22 3.40 13.16
N LEU A 199 17.06 2.92 12.25
CA LEU A 199 17.79 1.68 12.47
C LEU A 199 18.77 1.73 13.66
N ASN A 200 19.15 2.95 14.06
CA ASN A 200 20.08 3.15 15.18
C ASN A 200 19.41 3.70 16.45
N SER A 201 18.08 3.64 16.50
CA SER A 201 17.30 3.99 17.66
C SER A 201 17.13 2.78 18.58
N PRO A 202 17.86 2.74 19.73
CA PRO A 202 17.74 1.53 20.56
C PRO A 202 16.32 1.30 21.05
N SER A 203 15.56 2.37 21.24
CA SER A 203 14.14 2.27 21.62
C SER A 203 13.22 1.47 20.70
N CYS A 204 13.63 1.33 19.45
CA CYS A 204 12.82 0.73 18.40
C CYS A 204 13.12 -0.74 18.14
N PHE A 205 14.03 -1.35 18.91
CA PHE A 205 14.43 -2.76 18.68
C PHE A 205 14.46 -3.60 20.00
N ALA A 206 14.23 -4.91 19.89
CA ALA A 206 14.36 -5.84 20.99
C ALA A 206 15.70 -5.68 21.74
N ASN A 207 15.65 -5.88 23.07
CA ASN A 207 16.88 -5.86 23.89
C ASN A 207 17.96 -6.72 23.31
N ASP A 208 19.15 -6.11 23.18
CA ASP A 208 20.38 -6.74 22.69
C ASP A 208 20.37 -6.95 21.20
N TYR A 209 19.33 -6.52 20.49
CA TYR A 209 19.39 -6.57 19.04
C TYR A 209 20.60 -5.74 18.56
N PRO A 210 21.43 -6.29 17.66
CA PRO A 210 22.62 -5.53 17.25
C PRO A 210 22.27 -4.44 16.22
N LEU A 211 22.31 -3.19 16.67
CA LEU A 211 22.08 -2.05 15.78
C LEU A 211 23.27 -1.84 14.82
N PRO A 212 23.00 -1.31 13.60
CA PRO A 212 24.14 -1.13 12.68
C PRO A 212 25.33 -0.36 13.25
N ASP A 213 25.10 0.61 14.13
CA ASP A 213 26.18 1.42 14.72
C ASP A 213 26.99 0.72 15.81
N GLY A 214 26.68 -0.55 16.09
CA GLY A 214 27.46 -1.31 17.05
C GLY A 214 26.88 -1.29 18.45
N GLU A 215 25.83 -0.47 18.62
CA GLU A 215 25.05 -0.40 19.88
C GLU A 215 23.99 -1.48 19.89
N SER A 216 23.31 -1.62 21.03
CA SER A 216 22.32 -2.68 21.26
C SER A 216 20.93 -2.14 21.41
N GLY A 217 19.93 -2.86 20.90
CA GLY A 217 18.53 -2.47 21.11
C GLY A 217 18.22 -2.40 22.60
N GLN A 218 17.23 -1.60 22.94
CA GLN A 218 16.77 -1.47 24.31
C GLN A 218 15.35 -0.96 24.17
N GLY A 219 14.47 -1.86 23.72
CA GLY A 219 13.15 -1.49 23.22
C GLY A 219 12.24 -0.83 24.21
N ASN A 220 11.50 0.16 23.72
CA ASN A 220 10.41 0.77 24.44
C ASN A 220 9.44 1.43 23.48
N ALA A 221 8.31 0.77 23.25
CA ALA A 221 7.36 1.22 22.21
C ALA A 221 6.92 2.70 22.35
N PRO A 222 6.48 3.13 23.56
CA PRO A 222 6.17 4.58 23.72
C PRO A 222 7.29 5.54 23.27
N SER A 223 8.54 5.26 23.61
CA SER A 223 9.67 6.07 23.17
C SER A 223 9.92 5.95 21.67
N CYS A 224 9.82 4.73 21.15
CA CYS A 224 10.02 4.49 19.72
C CYS A 224 8.90 5.21 18.96
N LYS A 225 7.65 5.08 19.43
CA LYS A 225 6.50 5.80 18.80
C LYS A 225 6.78 7.32 18.73
N GLU A 226 7.31 7.90 19.80
CA GLU A 226 7.62 9.35 19.86
C GLU A 226 8.64 9.73 18.80
N GLU A 227 9.69 8.92 18.64
CA GLU A 227 10.69 9.20 17.61
C GLU A 227 10.03 9.22 16.22
N VAL A 228 9.20 8.23 15.96
CA VAL A 228 8.53 8.11 14.66
C VAL A 228 7.57 9.26 14.44
N THR A 229 6.84 9.65 15.48
CA THR A 229 5.95 10.81 15.42
C THR A 229 6.69 12.06 14.96
N SER A 230 7.96 12.22 15.33
CA SER A 230 8.72 13.37 14.82
C SER A 230 8.83 13.40 13.30
N LEU A 231 9.10 12.25 12.68
CA LEU A 231 9.11 12.16 11.22
C LEU A 231 7.70 12.44 10.65
N MET A 232 6.67 11.87 11.25
CA MET A 232 5.32 12.09 10.74
C MET A 232 4.80 13.53 10.81
N ASN A 233 5.00 14.14 11.96
CA ASN A 233 4.38 15.41 12.28
C ASN A 233 5.33 16.59 12.11
N SER A 234 6.57 16.47 12.55
CA SER A 234 7.56 17.52 12.32
C SER A 234 8.03 17.61 10.88
N VAL A 235 8.18 16.47 10.22
CA VAL A 235 8.66 16.51 8.86
C VAL A 235 7.48 16.51 7.89
N HIS A 236 6.63 15.49 7.93
CA HIS A 236 5.54 15.38 6.94
C HIS A 236 4.25 16.14 7.29
N LYS A 237 4.21 16.70 8.51
CA LYS A 237 3.01 17.42 9.00
C LYS A 237 1.68 16.65 8.83
N VAL A 238 1.75 15.33 9.00
CA VAL A 238 0.57 14.49 8.85
C VAL A 238 -0.61 15.03 9.71
N ASN A 239 -0.36 15.27 11.00
CA ASN A 239 -1.43 15.78 11.89
C ASN A 239 -2.12 17.04 11.37
N GLN A 240 -1.34 18.06 10.99
CA GLN A 240 -1.87 19.31 10.44
C GLN A 240 -2.75 19.12 9.20
N GLN A 241 -2.36 18.22 8.31
CA GLN A 241 -3.09 17.99 7.07
C GLN A 241 -4.30 17.08 7.22
N ILE A 242 -4.18 16.05 8.03
CA ILE A 242 -5.23 15.07 8.08
C ILE A 242 -6.27 15.30 9.19
N GLN A 243 -5.82 15.63 10.41
CA GLN A 243 -6.74 15.68 11.58
C GLN A 243 -7.92 16.65 11.47
N PRO A 244 -7.71 17.89 10.97
CA PRO A 244 -8.87 18.79 10.86
C PRO A 244 -9.92 18.31 9.88
N LEU A 245 -9.49 17.56 8.86
CA LEU A 245 -10.37 17.00 7.86
C LEU A 245 -11.15 15.82 8.39
N LEU A 246 -10.51 15.00 9.23
CA LEU A 246 -11.20 13.90 9.89
C LEU A 246 -12.12 14.38 11.03
N ALA A 247 -11.73 15.44 11.73
CA ALA A 247 -12.62 16.02 12.76
C ALA A 247 -13.94 16.44 12.11
N LEU A 248 -13.89 17.03 10.93
CA LEU A 248 -15.08 17.51 10.22
C LEU A 248 -15.79 16.44 9.41
N ASN A 249 -15.06 15.39 9.00
CA ASN A 249 -15.64 14.33 8.16
C ASN A 249 -15.40 12.96 8.76
N PRO A 250 -16.10 12.67 9.89
CA PRO A 250 -15.86 11.42 10.60
C PRO A 250 -16.03 10.22 9.69
N VAL A 251 -15.13 9.26 9.84
CA VAL A 251 -15.23 7.97 9.19
C VAL A 251 -15.93 7.02 10.15
N ASN A 252 -16.88 6.23 9.64
CA ASN A 252 -17.58 5.22 10.43
C ASN A 252 -16.78 3.95 10.65
N GLU A 253 -16.11 3.48 9.58
CA GLU A 253 -15.25 2.31 9.65
C GLU A 253 -13.90 2.53 8.94
N TRP A 254 -12.81 2.13 9.60
CA TRP A 254 -11.48 2.06 8.95
C TRP A 254 -11.11 0.66 8.51
N TYR A 255 -10.64 0.56 7.28
CA TYR A 255 -10.01 -0.63 6.76
C TYR A 255 -8.57 -0.32 6.33
N SER A 256 -7.69 -1.26 6.60
CA SER A 256 -6.28 -1.12 6.31
C SER A 256 -5.83 -2.28 5.45
N ILE A 257 -4.97 -1.96 4.48
CA ILE A 257 -4.32 -2.97 3.68
C ILE A 257 -2.81 -2.73 3.75
N GLY A 258 -2.03 -3.69 3.28
CA GLY A 258 -0.58 -3.56 3.26
C GLY A 258 0.04 -4.15 4.49
N GLY A 259 1.08 -3.50 5.01
CA GLY A 259 1.95 -4.11 6.01
C GLY A 259 1.30 -4.48 7.34
N ILE A 260 0.31 -3.71 7.77
CA ILE A 260 -0.42 -3.98 9.03
C ILE A 260 -0.96 -5.41 9.01
N SER A 261 -1.57 -5.75 7.89
CA SER A 261 -2.19 -7.03 7.69
C SER A 261 -1.20 -8.19 7.81
N ASN A 262 0.04 -7.98 7.37
CA ASN A 262 1.12 -8.95 7.58
C ASN A 262 1.58 -9.06 9.01
N LEU A 263 1.83 -7.93 9.66
CA LEU A 263 2.30 -7.95 11.04
C LEU A 263 1.24 -8.57 11.97
N ALA A 264 -0.02 -8.18 11.76
CA ALA A 264 -1.13 -8.66 12.58
C ALA A 264 -1.33 -10.16 12.40
N SER A 265 -0.80 -10.70 11.30
CA SER A 265 -0.93 -12.12 10.98
C SER A 265 0.25 -12.96 11.45
N SER A 266 1.32 -12.29 11.89
CA SER A 266 2.46 -12.94 12.54
C SER A 266 2.04 -13.77 13.76
N GLN A 267 2.89 -14.72 14.14
CA GLN A 267 2.69 -15.54 15.33
C GLN A 267 2.77 -14.78 16.65
N LEU A 268 3.54 -13.70 16.66
CA LEU A 268 3.76 -12.94 17.89
C LEU A 268 2.61 -12.02 18.25
N PHE A 269 1.74 -11.73 17.29
CA PHE A 269 0.59 -10.88 17.57
C PHE A 269 -0.73 -11.66 17.64
N HIS A 270 -1.59 -11.28 18.56
CA HIS A 270 -2.87 -11.96 18.66
C HIS A 270 -3.98 -10.99 18.36
N PHE A 271 -4.63 -11.20 17.23
CA PHE A 271 -5.76 -10.37 16.86
C PHE A 271 -6.84 -11.25 16.25
N GLU A 272 -8.10 -11.02 16.63
CA GLU A 272 -9.22 -11.77 16.02
C GLU A 272 -10.05 -10.90 15.12
N ASN A 273 -10.79 -11.58 14.24
CA ASN A 273 -11.79 -10.97 13.38
C ASN A 273 -11.18 -10.05 12.33
N SER A 274 -9.90 -10.29 12.03
CA SER A 274 -9.11 -9.43 11.15
C SER A 274 -9.28 -7.98 11.53
N GLU A 275 -9.09 -7.68 12.81
CA GLU A 275 -9.14 -6.30 13.27
C GLU A 275 -8.21 -6.14 14.46
N LEU A 276 -7.87 -4.90 14.76
CA LEU A 276 -6.96 -4.56 15.86
C LEU A 276 -7.35 -3.20 16.37
N THR A 277 -6.75 -2.81 17.50
CA THR A 277 -6.78 -1.42 17.94
C THR A 277 -5.36 -0.96 18.04
N ASN A 278 -5.12 0.35 17.97
CA ASN A 278 -3.76 0.85 18.10
C ASN A 278 -3.18 0.60 19.52
N GLN A 279 -4.05 0.72 20.54
CA GLN A 279 -3.62 0.47 21.90
C GLN A 279 -3.11 -0.96 22.06
N SER A 280 -3.88 -1.92 21.56
CA SER A 280 -3.48 -3.33 21.66
C SER A 280 -2.21 -3.63 20.84
N LEU A 281 -2.14 -3.05 19.63
CA LEU A 281 -0.96 -3.19 18.79
C LEU A 281 0.27 -2.70 19.53
N LEU A 282 0.21 -1.49 20.08
CA LEU A 282 1.37 -0.93 20.72
C LEU A 282 1.76 -1.74 21.99
N GLN A 283 0.76 -2.17 22.75
CA GLN A 283 1.02 -2.91 23.98
C GLN A 283 1.69 -4.27 23.71
N GLN A 284 1.21 -4.96 22.67
CA GLN A 284 1.73 -6.28 22.32
C GLN A 284 3.11 -6.16 21.73
N GLY A 285 3.32 -5.13 20.91
CA GLY A 285 4.65 -4.85 20.41
C GLY A 285 5.62 -4.57 21.54
N ASP A 286 5.19 -3.74 22.50
CA ASP A 286 6.03 -3.32 23.61
C ASP A 286 6.41 -4.52 24.49
N ASN A 287 5.43 -5.37 24.77
CA ASN A 287 5.64 -6.49 25.70
C ASN A 287 6.37 -7.66 25.07
N GLN A 288 5.95 -8.04 23.85
CA GLN A 288 6.44 -9.26 23.18
C GLN A 288 7.77 -9.14 22.44
N ILE A 289 8.12 -7.91 22.06
CA ILE A 289 9.30 -7.64 21.22
C ILE A 289 10.21 -6.57 21.81
N CYS A 290 9.70 -5.34 22.00
CA CYS A 290 10.56 -4.19 22.47
C CYS A 290 11.36 -4.53 23.72
N HIS A 291 10.69 -5.13 24.71
CA HIS A 291 11.28 -5.43 26.03
C HIS A 291 11.78 -6.85 26.18
N GLN A 292 11.84 -7.54 25.05
CA GLN A 292 12.19 -8.94 24.95
C GLN A 292 13.67 -9.11 24.62
N GLN A 293 14.32 -10.06 25.30
CA GLN A 293 15.71 -10.38 25.00
C GLN A 293 15.78 -10.96 23.57
N TRP A 294 16.51 -10.28 22.68
CA TRP A 294 16.53 -10.64 21.26
C TRP A 294 16.92 -12.09 20.95
N ASP A 295 18.04 -12.54 21.51
CA ASP A 295 18.54 -13.88 21.15
C ASP A 295 17.53 -15.00 21.52
N ILE A 296 16.90 -14.86 22.69
CA ILE A 296 15.85 -15.82 23.10
C ILE A 296 14.67 -15.74 22.13
N LEU A 297 14.29 -14.52 21.74
CA LEU A 297 13.14 -14.37 20.84
C LEU A 297 13.45 -15.02 19.50
N ASN A 298 14.60 -14.65 18.95
CA ASN A 298 15.08 -15.17 17.68
C ASN A 298 15.15 -16.72 17.67
N GLY A 299 15.59 -17.31 18.79
CA GLY A 299 15.62 -18.76 18.93
C GLY A 299 14.25 -19.40 18.89
N GLN A 300 13.24 -18.72 19.45
CA GLN A 300 11.88 -19.25 19.50
C GLN A 300 11.16 -19.15 18.17
N TYR A 301 11.49 -18.12 17.39
CA TYR A 301 10.82 -17.84 16.12
C TYR A 301 11.88 -17.60 15.05
N PRO A 302 12.61 -18.67 14.67
CA PRO A 302 13.79 -18.52 13.80
C PRO A 302 13.49 -18.31 12.32
N ASP A 303 12.28 -18.67 11.90
CA ASP A 303 11.90 -18.56 10.49
C ASP A 303 11.41 -17.17 10.09
N ASP A 304 10.85 -16.43 11.06
CA ASP A 304 10.24 -15.11 10.82
C ASP A 304 11.31 -14.03 10.57
N GLU A 305 11.57 -13.71 9.32
CA GLU A 305 12.63 -12.73 9.03
C GLU A 305 12.21 -11.26 9.17
N TYR A 306 10.99 -11.05 9.61
CA TYR A 306 10.50 -9.73 9.86
C TYR A 306 10.41 -9.44 11.34
N LEU A 307 10.59 -10.46 12.15
CA LEU A 307 10.58 -10.42 13.59
C LEU A 307 11.31 -9.25 14.24
N TYR A 308 12.56 -9.03 13.82
CA TYR A 308 13.43 -8.00 14.39
C TYR A 308 12.82 -6.60 14.29
N GLN A 309 11.89 -6.46 13.35
CA GLN A 309 11.26 -5.19 13.03
C GLN A 309 9.93 -4.90 13.78
N TYR A 310 9.45 -5.86 14.58
CA TYR A 310 8.08 -5.77 15.11
C TYR A 310 7.88 -4.70 16.16
N CYS A 311 8.95 -4.38 16.89
CA CYS A 311 8.91 -3.28 17.86
C CYS A 311 8.76 -1.91 17.15
N LEU A 312 9.61 -1.68 16.16
CA LEU A 312 9.55 -0.50 15.28
C LEU A 312 8.20 -0.38 14.59
N LEU A 313 7.74 -1.46 13.99
CA LEU A 313 6.52 -1.45 13.18
C LEU A 313 5.25 -1.17 14.00
N SER A 314 5.13 -1.81 15.16
CA SER A 314 4.01 -1.54 16.07
C SER A 314 4.03 -0.07 16.52
N SER A 315 5.23 0.43 16.84
CA SER A 315 5.40 1.83 17.23
C SER A 315 5.04 2.78 16.08
N TYR A 316 5.42 2.41 14.87
CA TYR A 316 5.24 3.21 13.65
C TYR A 316 3.77 3.31 13.26
N TYR A 317 3.06 2.18 13.28
CA TYR A 317 1.61 2.17 12.99
C TYR A 317 0.82 3.03 13.98
N TYR A 318 1.10 2.89 15.27
CA TYR A 318 0.47 3.74 16.26
C TYR A 318 0.77 5.21 15.98
N ALA A 319 2.05 5.53 15.76
CA ALA A 319 2.49 6.90 15.43
C ALA A 319 1.71 7.47 14.23
N LEU A 320 1.58 6.66 13.18
CA LEU A 320 0.92 7.08 11.96
C LEU A 320 -0.56 7.32 12.20
N MET A 321 -1.25 6.31 12.76
CA MET A 321 -2.71 6.32 12.84
C MET A 321 -3.20 7.21 13.97
N VAL A 322 -2.50 7.17 15.11
CA VAL A 322 -2.93 7.93 16.29
C VAL A 322 -2.39 9.35 16.31
N ASP A 323 -1.06 9.49 16.39
CA ASP A 323 -0.43 10.82 16.43
C ASP A 323 -0.52 11.55 15.10
N GLY A 324 -0.61 10.82 14.00
CA GLY A 324 -0.67 11.41 12.65
C GLY A 324 -2.12 11.65 12.25
N TYR A 325 -2.83 10.58 11.93
CA TYR A 325 -4.25 10.69 11.52
C TYR A 325 -5.22 11.16 12.62
N GLY A 326 -4.82 11.01 13.87
CA GLY A 326 -5.70 11.38 15.01
C GLY A 326 -6.74 10.33 15.33
N ILE A 327 -6.54 9.11 14.83
CA ILE A 327 -7.45 8.02 15.14
C ILE A 327 -7.33 7.65 16.62
N ASN A 328 -8.46 7.46 17.27
CA ASN A 328 -8.47 7.07 18.68
C ASN A 328 -7.79 5.73 18.91
N PRO A 329 -6.84 5.65 19.86
CA PRO A 329 -6.11 4.40 20.12
C PRO A 329 -6.98 3.16 20.41
N ASN A 330 -8.24 3.34 20.77
CA ASN A 330 -9.15 2.21 21.03
C ASN A 330 -10.14 1.95 19.90
N GLN A 331 -10.07 2.77 18.86
CA GLN A 331 -10.91 2.56 17.68
C GLN A 331 -10.47 1.29 16.94
N THR A 332 -11.43 0.43 16.60
CA THR A 332 -11.20 -0.77 15.77
C THR A 332 -10.71 -0.44 14.35
N ILE A 333 -9.61 -1.07 13.96
CA ILE A 333 -9.07 -0.95 12.59
C ILE A 333 -9.22 -2.33 11.99
N HIS A 334 -10.09 -2.48 11.01
CA HIS A 334 -10.14 -3.71 10.24
C HIS A 334 -8.93 -3.78 9.31
N TYR A 335 -8.46 -4.98 9.05
CA TYR A 335 -7.40 -5.20 8.09
C TYR A 335 -7.84 -6.35 7.22
N ILE A 336 -7.55 -6.25 5.93
CA ILE A 336 -7.79 -7.36 5.02
C ILE A 336 -6.63 -8.33 5.22
N PRO A 337 -6.93 -9.57 5.65
CA PRO A 337 -5.85 -10.54 5.91
C PRO A 337 -5.07 -10.88 4.65
N PRO A 338 -3.77 -11.20 4.79
CA PRO A 338 -2.90 -11.48 3.62
C PRO A 338 -3.42 -12.61 2.73
N GLU A 339 -3.95 -13.68 3.32
CA GLU A 339 -4.53 -14.79 2.56
C GLU A 339 -5.59 -14.34 1.56
N GLN A 340 -6.32 -13.28 1.89
CA GLN A 340 -7.47 -12.85 1.08
C GLN A 340 -7.16 -12.35 -0.34
N ASN A 341 -5.94 -11.90 -0.59
CA ASN A 341 -5.56 -11.42 -1.92
C ASN A 341 -6.52 -10.35 -2.42
N LEU A 342 -6.61 -9.27 -1.67
CA LEU A 342 -7.26 -8.09 -2.17
C LEU A 342 -6.14 -7.35 -2.81
N ASP A 343 -6.37 -6.88 -4.03
CA ASP A 343 -5.35 -6.11 -4.73
C ASP A 343 -5.88 -4.76 -5.23
N TRP A 344 -5.10 -3.70 -4.99
CA TRP A 344 -5.46 -2.37 -5.50
C TRP A 344 -5.80 -2.32 -6.99
N THR A 345 -5.24 -3.23 -7.79
CA THR A 345 -5.52 -3.20 -9.23
C THR A 345 -6.99 -3.46 -9.54
N ILE A 346 -7.72 -4.04 -8.60
CA ILE A 346 -9.17 -4.19 -8.72
C ILE A 346 -9.83 -2.82 -8.85
N GLY A 347 -9.32 -1.84 -8.10
CA GLY A 347 -9.72 -0.45 -8.26
C GLY A 347 -9.55 0.10 -9.67
N VAL A 348 -8.47 -0.29 -10.36
CA VAL A 348 -8.29 0.15 -11.76
C VAL A 348 -9.40 -0.41 -12.69
N VAL A 349 -9.74 -1.69 -12.54
CA VAL A 349 -10.84 -2.28 -13.32
C VAL A 349 -12.10 -1.44 -13.09
N LEU A 350 -12.44 -1.20 -11.83
CA LEU A 350 -13.64 -0.43 -11.49
C LEU A 350 -13.68 0.95 -12.14
N HIS A 351 -12.53 1.63 -12.09
CA HIS A 351 -12.43 2.99 -12.58
C HIS A 351 -12.21 3.12 -14.07
N ARG A 352 -11.44 2.21 -14.66
CA ARG A 352 -10.96 2.42 -16.03
C ARG A 352 -11.46 1.46 -17.10
N ALA A 353 -11.92 0.28 -16.70
CA ALA A 353 -12.35 -0.72 -17.66
C ALA A 353 -13.76 -0.40 -18.18
N1 ARU B . 5.47 -8.91 8.71
C2 ARU B . 5.64 -7.62 8.64
N3 ARU B . 5.78 -6.99 7.53
C4 ARU B . 5.77 -7.67 6.40
C5 ARU B . 5.61 -9.03 6.40
C6 ARU B . 5.47 -9.66 7.62
N6 ARU B . 5.30 -10.96 7.72
N7 ARU B . 5.64 -9.43 5.15
C8 ARU B . 5.82 -8.37 4.40
N9 ARU B . 5.89 -7.29 5.15
C1' ARU B . 6.05 -5.92 4.75
C2' ARU B . 6.78 -5.64 3.47
O2' ARU B . 8.16 -5.71 3.66
C3' ARU B . 6.32 -4.23 3.14
O3' ARU B . 7.26 -3.25 3.54
C4' ARU B . 5.10 -4.10 4.01
O4' ARU B . 4.79 -5.42 4.41
C5' ARU B . 4.13 -3.54 3.05
O5' ARU B . 3.64 -4.56 2.36
CAA ARU B . 4.24 -11.80 5.71
CAB ARU B . 5.49 -11.82 6.55
CAD ARU B . 4.87 -11.54 8.98
CAE ARU B . 5.41 -12.95 9.13
OAF ARU B . 4.39 -3.07 -4.42
BRAG ARU B . 6.92 -3.18 -0.97
OAH ARU B . 2.85 -2.98 -1.83
OAI ARU B . 2.83 -5.64 0.39
OAJ ARU B . 6.58 -3.76 -4.40
PAK ARU B . 5.64 -2.96 -3.82
CAL ARU B . 5.40 -3.55 -2.04
PAM ARU B . 4.03 -2.67 -1.12
OAN ARU B . 4.17 -3.34 0.24
PAO ARU B . 3.12 -4.36 0.93
OAV ARU B . 6.05 -1.63 -3.69
BRAW ARU B . 5.08 -5.47 -2.14
OAX ARU B . 4.24 -1.30 -1.04
OAY ARU B . 1.89 -3.44 1.13
#